data_4H5Y
#
_entry.id   4H5Y
#
_cell.length_a   55.554
_cell.length_b   64.468
_cell.length_c   164.373
_cell.angle_alpha   90.00
_cell.angle_beta   90.00
_cell.angle_gamma   90.00
#
_symmetry.space_group_name_H-M   'P 21 21 21'
#
loop_
_entity.id
_entity.type
_entity.pdbx_description
1 polymer 'LidA protein, substrate of the Dot/Icm system'
2 water water
#
_entity_poly.entity_id   1
_entity_poly.type   'polypeptide(L)'
_entity_poly.pdbx_seq_one_letter_code
;GSSHHHHHHSSGLVPRGSHMASMTGGQQMGRGSEFPFKTSFEKWIESSLLDPQAKEDKGSTINLGREGLKNASQVKKFLL
SPAGKDVIAELGAQMALQRNINLQNQQDRMEHELFKRRLMAALFLWYLSKKSHAAEKVKEIIREYNEKAIKNAEKASKPS
QQSTSSTSQADKEIQKMLDEYEQAIKRAQENIKKGEELEKKLDKLERQGKDLEDKYKTYEENLEGFEKLLTDSEELSLSE
INEKMKAFSKDSEKLTQLMEKHKGDEKTVQSLQREHHDIKAKLANLQVLHDAHTGKKSYVNEKGNPVSSLKDAHLAINKD
QEVVEHKGQFYLLQKGQWDAIKNDPAALEKAQKDYSQSKHDLATIKMEALIHKLSLEMEKQLETINDLIMSTDPKENEEA
TKLLHKHNGLNLKLANLQDMLAVHRKEKSFFNEKGEKVTSLNDAHYVIGKDQQLFNLGGKFYPIHKEQKILEKDGKFYLL
KQGEDWESIKDSPEKQKKAEHDFHKLQYETPMTVKKLVHHNKGLETTIHKERIEETKQQLEDNGKEKIEIANNISKLQST
VGVALNQLNQ
;
_entity_poly.pdbx_strand_id   A
#
# COMPACT_ATOMS: atom_id res chain seq x y z
N PRO A 36 -15.66 -8.59 12.02
CA PRO A 36 -15.23 -8.44 10.63
C PRO A 36 -16.38 -8.05 9.70
N PHE A 37 -16.13 -8.03 8.40
CA PHE A 37 -17.11 -7.58 7.42
C PHE A 37 -18.28 -8.55 7.23
N LYS A 38 -19.50 -8.03 7.29
CA LYS A 38 -20.71 -8.81 7.01
C LYS A 38 -21.34 -8.34 5.71
N THR A 39 -21.72 -9.27 4.85
CA THR A 39 -22.47 -8.90 3.64
C THR A 39 -23.92 -8.59 4.00
N SER A 40 -24.62 -7.94 3.09
CA SER A 40 -26.04 -7.64 3.27
C SER A 40 -26.84 -8.91 3.52
N PHE A 41 -26.47 -9.97 2.81
CA PHE A 41 -27.16 -11.25 2.93
C PHE A 41 -26.94 -11.83 4.32
N GLU A 42 -25.71 -11.74 4.80
CA GLU A 42 -25.36 -12.22 6.13
C GLU A 42 -26.01 -11.38 7.23
N LYS A 43 -26.09 -10.07 7.02
CA LYS A 43 -26.72 -9.18 7.99
C LYS A 43 -28.21 -9.46 8.10
N TRP A 44 -28.84 -9.72 6.96
CA TRP A 44 -30.25 -10.11 6.92
C TRP A 44 -30.50 -11.44 7.64
N ILE A 45 -29.67 -12.45 7.38
CA ILE A 45 -29.80 -13.74 8.07
C ILE A 45 -29.78 -13.58 9.60
N GLU A 46 -28.78 -12.88 10.11
CA GLU A 46 -28.64 -12.70 11.55
C GLU A 46 -29.80 -11.89 12.15
N SER A 47 -30.18 -10.82 11.47
CA SER A 47 -31.20 -9.91 11.98
C SER A 47 -32.64 -10.44 11.85
N SER A 48 -32.93 -11.12 10.75
CA SER A 48 -34.32 -11.49 10.48
C SER A 48 -34.67 -12.99 10.66
N LEU A 49 -33.69 -13.87 10.44
CA LEU A 49 -33.98 -15.31 10.41
C LEU A 49 -33.63 -16.03 11.71
N LEU A 50 -32.63 -15.52 12.41
CA LEU A 50 -32.19 -16.14 13.67
C LEU A 50 -32.46 -15.22 14.84
N ASP A 51 -33.73 -14.86 15.01
CA ASP A 51 -34.13 -13.94 16.07
C ASP A 51 -34.64 -14.71 17.28
N PRO A 52 -33.90 -14.64 18.40
CA PRO A 52 -34.27 -15.29 19.67
C PRO A 52 -35.61 -14.79 20.20
N GLN A 53 -36.07 -13.66 19.68
CA GLN A 53 -37.38 -13.13 20.00
C GLN A 53 -38.33 -13.47 18.86
N ALA A 54 -39.58 -13.76 19.19
CA ALA A 54 -40.52 -14.18 18.16
C ALA A 54 -41.81 -13.41 18.26
N LYS A 55 -42.89 -14.05 17.78
CA LYS A 55 -44.26 -13.64 18.01
C LYS A 55 -45.22 -14.56 17.28
N GLU A 56 -44.84 -15.02 16.10
CA GLU A 56 -45.72 -15.78 15.21
C GLU A 56 -46.94 -14.94 14.78
N ASP A 57 -47.52 -14.22 15.74
CA ASP A 57 -48.48 -13.17 15.46
C ASP A 57 -47.82 -12.04 14.67
N LYS A 58 -48.29 -11.80 13.46
CA LYS A 58 -47.91 -10.66 12.62
C LYS A 58 -46.45 -10.14 12.70
N GLY A 59 -45.50 -10.99 13.06
CA GLY A 59 -44.12 -10.56 13.23
C GLY A 59 -43.42 -10.01 11.99
N SER A 60 -42.16 -9.64 12.15
CA SER A 60 -41.31 -9.19 11.04
C SER A 60 -40.03 -10.03 10.99
N THR A 61 -39.85 -10.86 12.01
CA THR A 61 -38.72 -11.78 12.08
C THR A 61 -39.18 -13.21 12.38
N ILE A 62 -38.29 -14.17 12.13
CA ILE A 62 -38.51 -15.55 12.54
C ILE A 62 -37.27 -16.09 13.25
N ASN A 63 -37.41 -17.28 13.81
CA ASN A 63 -36.27 -17.99 14.41
C ASN A 63 -36.12 -19.38 13.83
N LEU A 64 -35.22 -19.53 12.86
CA LEU A 64 -34.99 -20.82 12.21
C LEU A 64 -34.28 -21.81 13.11
N GLY A 65 -33.99 -21.41 14.35
CA GLY A 65 -33.45 -22.31 15.33
C GLY A 65 -34.51 -23.33 15.72
N ARG A 66 -35.76 -23.02 15.37
CA ARG A 66 -36.88 -23.88 15.66
C ARG A 66 -37.01 -25.00 14.63
N GLU A 67 -36.31 -24.85 13.51
CA GLU A 67 -36.23 -25.91 12.51
C GLU A 67 -34.85 -26.56 12.55
N GLY A 68 -34.18 -26.41 13.68
CA GLY A 68 -32.90 -27.06 13.89
C GLY A 68 -31.69 -26.32 13.35
N LEU A 69 -31.91 -25.18 12.70
CA LEU A 69 -30.80 -24.39 12.14
C LEU A 69 -30.10 -23.59 13.25
N LYS A 70 -28.85 -23.96 13.52
CA LYS A 70 -28.10 -23.43 14.67
C LYS A 70 -27.55 -22.01 14.47
N ASN A 71 -26.74 -21.82 13.42
CA ASN A 71 -26.06 -20.54 13.20
C ASN A 71 -26.27 -19.94 11.82
N ALA A 72 -25.77 -18.73 11.63
CA ALA A 72 -25.93 -18.00 10.36
C ALA A 72 -25.25 -18.72 9.19
N SER A 73 -24.10 -19.34 9.46
CA SER A 73 -23.39 -20.07 8.42
C SER A 73 -24.20 -21.27 7.96
N GLN A 74 -24.85 -21.94 8.90
CA GLN A 74 -25.68 -23.10 8.60
C GLN A 74 -26.93 -22.69 7.82
N VAL A 75 -27.54 -21.57 8.19
CA VAL A 75 -28.69 -21.04 7.47
C VAL A 75 -28.27 -20.71 6.04
N LYS A 76 -27.11 -20.08 5.92
CA LYS A 76 -26.55 -19.72 4.62
C LYS A 76 -26.32 -20.96 3.75
N LYS A 77 -25.72 -21.99 4.34
CA LYS A 77 -25.47 -23.25 3.64
C LYS A 77 -26.77 -23.87 3.13
N PHE A 78 -27.79 -23.83 3.98
CA PHE A 78 -29.12 -24.33 3.63
C PHE A 78 -29.70 -23.60 2.42
N LEU A 79 -29.58 -22.28 2.44
CA LEU A 79 -30.10 -21.46 1.36
C LEU A 79 -29.34 -21.69 0.05
N LEU A 80 -28.11 -22.19 0.17
CA LEU A 80 -27.28 -22.45 -1.01
C LEU A 80 -27.19 -23.95 -1.33
N SER A 81 -28.25 -24.69 -1.01
CA SER A 81 -28.32 -26.13 -1.29
C SER A 81 -28.30 -26.40 -2.79
N PRO A 82 -27.52 -27.41 -3.22
CA PRO A 82 -27.42 -27.76 -4.64
C PRO A 82 -28.75 -28.25 -5.22
N ALA A 83 -28.89 -28.17 -6.53
CA ALA A 83 -30.13 -28.53 -7.21
C ALA A 83 -30.35 -30.05 -7.40
N GLY A 84 -29.26 -30.77 -7.69
CA GLY A 84 -29.37 -32.17 -8.07
C GLY A 84 -29.50 -33.21 -6.96
N LYS A 85 -29.96 -32.80 -5.79
CA LYS A 85 -30.17 -33.75 -4.69
C LYS A 85 -31.16 -33.21 -3.64
N ASP A 86 -31.89 -34.11 -2.99
CA ASP A 86 -32.85 -33.72 -1.96
C ASP A 86 -32.16 -32.96 -0.82
N VAL A 87 -32.90 -32.06 -0.17
CA VAL A 87 -32.35 -31.28 0.93
C VAL A 87 -32.64 -31.97 2.27
N ILE A 88 -31.76 -32.86 2.68
CA ILE A 88 -31.90 -33.58 3.95
C ILE A 88 -30.60 -33.59 4.73
N ALA A 89 -29.60 -32.88 4.21
CA ALA A 89 -28.30 -32.76 4.87
C ALA A 89 -27.95 -31.30 5.15
N GLU A 90 -28.96 -30.51 5.51
CA GLU A 90 -28.77 -29.08 5.76
C GLU A 90 -28.57 -28.79 7.26
N LEU A 91 -28.86 -29.77 8.11
CA LEU A 91 -28.64 -29.64 9.54
C LEU A 91 -27.30 -30.29 9.91
N GLY A 92 -26.83 -30.10 11.13
CA GLY A 92 -25.72 -30.90 11.64
C GLY A 92 -26.02 -32.37 11.38
N ALA A 93 -25.00 -33.12 11.00
CA ALA A 93 -25.19 -34.52 10.57
C ALA A 93 -26.04 -35.35 11.53
N GLN A 94 -25.77 -35.30 12.83
CA GLN A 94 -26.52 -36.09 13.80
C GLN A 94 -28.00 -35.68 13.81
N MET A 95 -28.27 -34.39 13.78
CA MET A 95 -29.64 -33.89 13.78
C MET A 95 -30.34 -34.24 12.46
N ALA A 96 -29.61 -34.13 11.35
CA ALA A 96 -30.15 -34.48 10.03
C ALA A 96 -30.63 -35.93 10.00
N LEU A 97 -29.77 -36.85 10.43
CA LEU A 97 -30.15 -38.27 10.47
C LEU A 97 -31.30 -38.51 11.45
N GLN A 98 -31.33 -37.74 12.54
CA GLN A 98 -32.41 -37.86 13.51
C GLN A 98 -33.74 -37.51 12.87
N ARG A 99 -33.76 -36.40 12.14
CA ARG A 99 -34.96 -35.93 11.47
C ARG A 99 -35.36 -36.86 10.30
N ASN A 100 -34.38 -37.32 9.53
CA ASN A 100 -34.66 -38.11 8.32
C ASN A 100 -35.21 -39.52 8.56
N ILE A 101 -35.03 -40.05 9.78
CA ILE A 101 -35.58 -41.37 10.11
C ILE A 101 -37.12 -41.36 10.03
N ASN A 102 -37.71 -40.16 10.08
CA ASN A 102 -39.15 -39.98 9.94
C ASN A 102 -39.63 -39.97 8.48
N LEU A 103 -38.70 -39.72 7.56
CA LEU A 103 -39.00 -39.78 6.13
C LEU A 103 -38.90 -41.22 5.67
N GLN A 104 -39.96 -41.99 5.93
CA GLN A 104 -39.92 -43.45 5.80
C GLN A 104 -40.37 -43.98 4.44
N ASN A 105 -40.92 -43.11 3.61
CA ASN A 105 -41.39 -43.54 2.29
C ASN A 105 -41.29 -42.47 1.21
N GLN A 106 -41.76 -42.83 0.02
CA GLN A 106 -41.78 -41.94 -1.13
C GLN A 106 -42.56 -40.66 -0.82
N GLN A 107 -43.75 -40.82 -0.25
CA GLN A 107 -44.59 -39.67 0.07
C GLN A 107 -43.92 -38.70 1.05
N ASP A 108 -43.38 -39.23 2.16
CA ASP A 108 -42.68 -38.41 3.14
C ASP A 108 -41.50 -37.65 2.55
N ARG A 109 -40.72 -38.34 1.71
CA ARG A 109 -39.56 -37.72 1.07
C ARG A 109 -39.96 -36.64 0.08
N MET A 110 -40.99 -36.93 -0.71
CA MET A 110 -41.45 -35.97 -1.72
C MET A 110 -42.02 -34.71 -1.07
N GLU A 111 -42.86 -34.90 -0.04
CA GLU A 111 -43.48 -33.76 0.64
C GLU A 111 -42.44 -32.94 1.41
N HIS A 112 -41.42 -33.62 1.93
CA HIS A 112 -40.37 -32.93 2.67
C HIS A 112 -39.53 -32.05 1.74
N GLU A 113 -39.14 -32.61 0.59
CA GLU A 113 -38.38 -31.84 -0.40
C GLU A 113 -39.18 -30.68 -0.96
N LEU A 114 -40.48 -30.87 -1.12
CA LEU A 114 -41.33 -29.76 -1.55
C LEU A 114 -41.36 -28.67 -0.48
N PHE A 115 -41.44 -29.08 0.78
CA PHE A 115 -41.37 -28.15 1.90
C PHE A 115 -40.04 -27.37 1.91
N LYS A 116 -38.94 -28.07 1.67
CA LYS A 116 -37.63 -27.42 1.71
C LYS A 116 -37.48 -26.38 0.59
N ARG A 117 -37.82 -26.78 -0.64
CA ARG A 117 -37.73 -25.87 -1.77
C ARG A 117 -38.68 -24.68 -1.61
N ARG A 118 -39.86 -24.95 -1.05
CA ARG A 118 -40.86 -23.91 -0.84
C ARG A 118 -40.37 -22.93 0.22
N LEU A 119 -39.75 -23.48 1.26
CA LEU A 119 -39.17 -22.67 2.33
C LEU A 119 -38.00 -21.82 1.81
N MET A 120 -37.10 -22.46 1.06
CA MET A 120 -35.97 -21.74 0.44
C MET A 120 -36.47 -20.59 -0.43
N ALA A 121 -37.49 -20.87 -1.23
CA ALA A 121 -38.06 -19.87 -2.12
C ALA A 121 -38.62 -18.66 -1.36
N ALA A 122 -39.36 -18.92 -0.29
CA ALA A 122 -39.96 -17.84 0.51
C ALA A 122 -38.92 -16.95 1.17
N LEU A 123 -37.85 -17.57 1.66
CA LEU A 123 -36.77 -16.83 2.29
C LEU A 123 -36.01 -15.98 1.27
N PHE A 124 -35.76 -16.55 0.08
CA PHE A 124 -35.10 -15.77 -0.96
C PHE A 124 -35.97 -14.58 -1.38
N LEU A 125 -37.26 -14.83 -1.56
CA LEU A 125 -38.21 -13.78 -1.89
C LEU A 125 -38.21 -12.69 -0.82
N TRP A 126 -38.08 -13.11 0.43
CA TRP A 126 -37.99 -12.20 1.57
C TRP A 126 -36.75 -11.31 1.44
N TYR A 127 -35.60 -11.92 1.18
CA TYR A 127 -34.37 -11.15 1.05
C TYR A 127 -34.40 -10.24 -0.18
N LEU A 128 -34.84 -10.80 -1.31
CA LEU A 128 -34.85 -10.06 -2.58
C LEU A 128 -35.87 -8.93 -2.67
N SER A 129 -37.09 -9.16 -2.16
CA SER A 129 -38.15 -8.17 -2.30
C SER A 129 -38.49 -7.40 -1.03
N LYS A 130 -38.11 -7.95 0.13
CA LYS A 130 -38.35 -7.29 1.41
C LYS A 130 -39.82 -6.89 1.66
N LYS A 131 -40.74 -7.77 1.28
CA LYS A 131 -42.17 -7.47 1.46
C LYS A 131 -42.58 -7.52 2.93
N SER A 132 -43.53 -6.66 3.30
CA SER A 132 -43.97 -6.52 4.69
C SER A 132 -44.42 -7.81 5.37
N HIS A 133 -45.00 -8.73 4.61
CA HIS A 133 -45.56 -9.93 5.22
C HIS A 133 -44.79 -11.22 4.92
N ALA A 134 -43.49 -11.11 4.65
CA ALA A 134 -42.69 -12.26 4.26
C ALA A 134 -42.50 -13.26 5.41
N ALA A 135 -42.44 -12.74 6.64
CA ALA A 135 -42.23 -13.58 7.81
C ALA A 135 -43.39 -14.56 8.03
N GLU A 136 -44.62 -14.06 7.90
CA GLU A 136 -45.80 -14.92 8.10
C GLU A 136 -45.99 -15.90 6.95
N LYS A 137 -45.50 -15.53 5.77
CA LYS A 137 -45.47 -16.45 4.63
C LYS A 137 -44.65 -17.69 5.01
N VAL A 138 -43.51 -17.45 5.64
CA VAL A 138 -42.60 -18.51 6.04
C VAL A 138 -43.22 -19.37 7.13
N LYS A 139 -43.84 -18.70 8.10
CA LYS A 139 -44.52 -19.38 9.20
C LYS A 139 -45.65 -20.27 8.70
N GLU A 140 -46.36 -19.79 7.67
CA GLU A 140 -47.46 -20.56 7.09
C GLU A 140 -46.97 -21.83 6.41
N ILE A 141 -45.83 -21.74 5.73
CA ILE A 141 -45.25 -22.86 5.01
C ILE A 141 -44.84 -23.97 5.99
N ILE A 142 -44.15 -23.57 7.04
CA ILE A 142 -43.75 -24.48 8.10
C ILE A 142 -44.98 -25.14 8.74
N ARG A 143 -45.97 -24.32 9.09
CA ARG A 143 -47.20 -24.80 9.69
C ARG A 143 -47.92 -25.82 8.80
N GLU A 144 -48.06 -25.48 7.52
CA GLU A 144 -48.74 -26.35 6.56
C GLU A 144 -48.07 -27.71 6.40
N TYR A 145 -46.73 -27.73 6.37
CA TYR A 145 -46.00 -28.99 6.23
C TYR A 145 -46.21 -29.89 7.44
N ASN A 146 -46.05 -29.32 8.62
CA ASN A 146 -46.16 -30.05 9.87
C ASN A 146 -47.50 -30.77 10.04
N GLU A 147 -48.61 -30.06 9.81
CA GLU A 147 -49.91 -30.68 10.02
C GLU A 147 -50.30 -31.66 8.91
N LYS A 148 -49.72 -31.49 7.72
CA LYS A 148 -49.92 -32.48 6.66
C LYS A 148 -49.23 -33.78 7.04
N ALA A 149 -48.07 -33.66 7.69
CA ALA A 149 -47.32 -34.82 8.16
C ALA A 149 -48.08 -35.53 9.27
N ILE A 150 -48.77 -34.75 10.10
CA ILE A 150 -49.61 -35.29 11.15
C ILE A 150 -50.81 -36.06 10.59
N LYS A 151 -51.49 -35.47 9.60
CA LYS A 151 -52.62 -36.12 8.95
C LYS A 151 -52.21 -37.39 8.21
N ASN A 152 -51.03 -37.36 7.60
CA ASN A 152 -50.47 -38.56 6.96
C ASN A 152 -50.41 -39.73 7.93
N ALA A 153 -49.84 -39.49 9.10
CA ALA A 153 -49.72 -40.51 10.14
C ALA A 153 -51.08 -41.01 10.66
N GLU A 154 -52.02 -40.08 10.85
CA GLU A 154 -53.36 -40.43 11.34
C GLU A 154 -54.07 -41.46 10.47
N LYS A 155 -53.93 -41.30 9.16
CA LYS A 155 -54.58 -42.20 8.20
C LYS A 155 -53.82 -43.53 8.11
N ALA A 156 -52.55 -43.50 8.48
CA ALA A 156 -51.73 -44.71 8.48
C ALA A 156 -52.04 -45.60 9.69
N SER A 157 -52.71 -45.03 10.69
CA SER A 157 -53.08 -45.75 11.89
C SER A 157 -54.14 -46.81 11.61
N SER A 165 -56.01 -46.32 -0.45
CA SER A 165 -54.65 -45.84 -0.25
C SER A 165 -53.85 -45.85 -1.56
N SER A 166 -53.53 -44.66 -2.06
CA SER A 166 -52.79 -44.49 -3.31
C SER A 166 -52.08 -43.14 -3.32
N THR A 167 -50.81 -43.13 -3.71
CA THR A 167 -49.97 -41.96 -3.54
C THR A 167 -49.04 -41.64 -4.71
N SER A 168 -48.92 -42.57 -5.67
CA SER A 168 -47.96 -42.42 -6.76
C SER A 168 -48.18 -41.18 -7.64
N GLN A 169 -49.44 -40.85 -7.91
CA GLN A 169 -49.76 -39.69 -8.74
C GLN A 169 -49.42 -38.38 -8.04
N ALA A 170 -49.68 -38.34 -6.73
CA ALA A 170 -49.32 -37.18 -5.92
C ALA A 170 -47.80 -36.98 -5.87
N ASP A 171 -47.06 -38.08 -5.91
CA ASP A 171 -45.61 -38.02 -5.94
C ASP A 171 -45.14 -37.37 -7.25
N LYS A 172 -45.77 -37.76 -8.35
CA LYS A 172 -45.44 -37.23 -9.67
C LYS A 172 -45.84 -35.75 -9.80
N GLU A 173 -46.92 -35.35 -9.14
CA GLU A 173 -47.37 -33.96 -9.19
C GLU A 173 -46.40 -33.07 -8.43
N ILE A 174 -45.87 -33.58 -7.33
CA ILE A 174 -44.89 -32.86 -6.55
C ILE A 174 -43.58 -32.73 -7.34
N GLN A 175 -43.19 -33.80 -8.03
CA GLN A 175 -42.00 -33.77 -8.88
C GLN A 175 -42.03 -32.64 -9.91
N LYS A 176 -43.20 -32.40 -10.51
CA LYS A 176 -43.32 -31.31 -11.47
C LYS A 176 -43.07 -29.95 -10.82
N MET A 177 -43.54 -29.77 -9.58
CA MET A 177 -43.31 -28.54 -8.85
C MET A 177 -41.83 -28.34 -8.47
N LEU A 178 -41.17 -29.43 -8.09
CA LEU A 178 -39.74 -29.36 -7.78
C LEU A 178 -38.93 -28.98 -9.02
N ASP A 179 -39.31 -29.55 -10.16
CA ASP A 179 -38.68 -29.23 -11.43
C ASP A 179 -38.92 -27.76 -11.82
N GLU A 180 -40.05 -27.21 -11.40
CA GLU A 180 -40.37 -25.82 -11.68
C GLU A 180 -39.63 -24.86 -10.73
N TYR A 181 -39.29 -25.36 -9.54
CA TYR A 181 -38.52 -24.59 -8.57
C TYR A 181 -37.05 -24.50 -8.94
N GLU A 182 -36.60 -25.47 -9.74
CA GLU A 182 -35.19 -25.65 -10.05
C GLU A 182 -34.50 -24.40 -10.60
N GLN A 183 -35.00 -23.88 -11.72
CA GLN A 183 -34.39 -22.70 -12.36
C GLN A 183 -34.57 -21.43 -11.52
N ALA A 184 -35.74 -21.30 -10.88
CA ALA A 184 -36.05 -20.10 -10.09
C ALA A 184 -35.14 -19.92 -8.86
N ILE A 185 -34.90 -21.00 -8.13
CA ILE A 185 -34.08 -20.95 -6.94
C ILE A 185 -32.60 -20.79 -7.28
N LYS A 186 -32.16 -21.55 -8.27
CA LYS A 186 -30.77 -21.52 -8.71
C LYS A 186 -30.34 -20.11 -9.15
N ARG A 187 -31.22 -19.41 -9.85
CA ARG A 187 -30.93 -18.03 -10.25
C ARG A 187 -30.75 -17.13 -9.03
N ALA A 188 -31.58 -17.37 -8.00
CA ALA A 188 -31.50 -16.59 -6.77
C ALA A 188 -30.19 -16.87 -6.02
N GLN A 189 -29.83 -18.15 -5.94
CA GLN A 189 -28.55 -18.57 -5.36
C GLN A 189 -27.37 -17.94 -6.09
N GLU A 190 -27.38 -17.98 -7.41
CA GLU A 190 -26.29 -17.41 -8.21
C GLU A 190 -26.18 -15.90 -8.01
N ASN A 191 -27.32 -15.25 -7.84
CA ASN A 191 -27.37 -13.81 -7.64
C ASN A 191 -26.77 -13.42 -6.30
N ILE A 192 -27.15 -14.14 -5.25
CA ILE A 192 -26.66 -13.87 -3.91
C ILE A 192 -25.16 -14.15 -3.79
N LYS A 193 -24.71 -15.24 -4.42
CA LYS A 193 -23.27 -15.54 -4.43
C LYS A 193 -22.45 -14.46 -5.13
N LYS A 194 -22.94 -14.01 -6.29
CA LYS A 194 -22.26 -12.93 -7.00
C LYS A 194 -22.31 -11.65 -6.15
N GLY A 195 -23.48 -11.41 -5.55
CA GLY A 195 -23.68 -10.27 -4.68
C GLY A 195 -22.71 -10.22 -3.50
N GLU A 196 -22.57 -11.33 -2.79
CA GLU A 196 -21.67 -11.37 -1.65
C GLU A 196 -20.21 -11.14 -2.07
N GLU A 197 -19.85 -11.74 -3.20
CA GLU A 197 -18.48 -11.64 -3.71
C GLU A 197 -18.12 -10.20 -4.04
N LEU A 198 -19.05 -9.51 -4.70
CA LEU A 198 -18.86 -8.12 -5.07
C LEU A 198 -18.76 -7.21 -3.84
N GLU A 199 -19.66 -7.41 -2.88
CA GLU A 199 -19.64 -6.61 -1.64
C GLU A 199 -18.33 -6.75 -0.85
N LYS A 200 -17.82 -7.98 -0.77
CA LYS A 200 -16.54 -8.23 -0.09
C LYS A 200 -15.39 -7.59 -0.85
N LYS A 201 -15.49 -7.61 -2.18
CA LYS A 201 -14.49 -6.99 -3.05
C LYS A 201 -14.48 -5.47 -2.87
N LEU A 202 -15.67 -4.89 -2.81
CA LEU A 202 -15.81 -3.44 -2.61
C LEU A 202 -15.30 -2.99 -1.24
N ASP A 203 -15.55 -3.79 -0.20
CA ASP A 203 -15.08 -3.43 1.14
C ASP A 203 -13.55 -3.45 1.17
N LYS A 204 -12.98 -4.41 0.45
CA LYS A 204 -11.54 -4.53 0.32
C LYS A 204 -10.96 -3.30 -0.40
N LEU A 205 -11.56 -2.96 -1.54
CA LEU A 205 -11.14 -1.78 -2.30
C LEU A 205 -11.27 -0.48 -1.50
N GLU A 206 -12.36 -0.35 -0.75
CA GLU A 206 -12.60 0.85 0.05
C GLU A 206 -11.52 1.05 1.11
N ARG A 207 -11.10 -0.04 1.74
CA ARG A 207 -10.05 0.03 2.74
C ARG A 207 -8.71 0.38 2.10
N GLN A 208 -8.46 -0.18 0.91
CA GLN A 208 -7.24 0.16 0.17
C GLN A 208 -7.21 1.64 -0.24
N GLY A 209 -8.35 2.16 -0.67
CA GLY A 209 -8.46 3.56 -1.08
C GLY A 209 -8.15 4.51 0.05
N LYS A 210 -8.65 4.19 1.23
CA LYS A 210 -8.38 4.98 2.43
C LYS A 210 -6.91 4.89 2.80
N ASP A 211 -6.33 3.69 2.69
CA ASP A 211 -4.91 3.50 2.98
C ASP A 211 -4.05 4.17 1.91
N LEU A 212 -4.54 4.20 0.68
CA LEU A 212 -3.86 4.87 -0.42
C LEU A 212 -3.77 6.38 -0.20
N GLU A 213 -4.88 6.99 0.20
CA GLU A 213 -4.92 8.43 0.44
C GLU A 213 -3.98 8.83 1.57
N ASP A 214 -3.98 8.04 2.64
CA ASP A 214 -3.14 8.34 3.79
C ASP A 214 -1.66 8.13 3.48
N LYS A 215 -1.36 7.15 2.62
CA LYS A 215 0.01 6.88 2.21
C LYS A 215 0.61 8.11 1.55
N TYR A 216 -0.08 8.68 0.58
CA TYR A 216 0.42 9.85 -0.14
C TYR A 216 0.33 11.16 0.65
N LYS A 217 -0.61 11.23 1.58
CA LYS A 217 -0.71 12.38 2.47
C LYS A 217 0.51 12.42 3.40
N THR A 218 0.94 11.25 3.86
CA THR A 218 2.14 11.13 4.67
C THR A 218 3.37 11.47 3.85
N TYR A 219 3.45 10.96 2.61
CA TYR A 219 4.61 11.20 1.76
C TYR A 219 4.81 12.68 1.48
N GLU A 220 3.72 13.37 1.17
CA GLU A 220 3.76 14.79 0.79
C GLU A 220 4.18 15.70 1.93
N GLU A 221 3.99 15.24 3.17
CA GLU A 221 4.41 16.03 4.33
C GLU A 221 5.91 15.97 4.52
N ASN A 222 6.58 15.16 3.71
CA ASN A 222 8.03 14.98 3.79
C ASN A 222 8.83 15.61 2.64
N LEU A 223 8.20 16.48 1.85
CA LEU A 223 8.86 16.99 0.65
C LEU A 223 9.30 18.47 0.69
N GLU A 224 9.50 19.02 1.89
CA GLU A 224 9.98 20.39 1.99
C GLU A 224 11.42 20.56 1.47
N GLY A 225 11.78 21.79 1.11
CA GLY A 225 13.14 22.09 0.70
C GLY A 225 14.10 22.17 1.86
N PHE A 226 15.39 22.24 1.56
CA PHE A 226 16.45 22.32 2.57
C PHE A 226 16.20 23.43 3.59
N GLU A 227 15.95 24.64 3.09
CA GLU A 227 15.74 25.81 3.93
C GLU A 227 14.64 25.61 4.99
N LYS A 228 13.56 24.94 4.58
CA LYS A 228 12.43 24.72 5.47
C LYS A 228 12.65 23.52 6.39
N LEU A 229 13.43 22.54 5.94
CA LEU A 229 13.74 21.39 6.78
C LEU A 229 14.59 21.83 7.98
N LEU A 230 15.28 22.95 7.81
CA LEU A 230 16.13 23.53 8.84
C LEU A 230 15.34 24.19 9.95
N THR A 231 14.41 25.07 9.60
CA THR A 231 13.62 25.80 10.59
C THR A 231 12.84 24.85 11.50
N ASP A 232 12.40 23.73 10.95
CA ASP A 232 11.79 22.69 11.78
C ASP A 232 12.68 21.48 11.94
N SER A 233 13.99 21.73 12.03
CA SER A 233 14.93 20.68 12.35
C SER A 233 15.12 20.68 13.85
N GLU A 234 14.80 19.58 14.50
CA GLU A 234 15.23 19.40 15.88
C GLU A 234 16.67 18.92 15.76
N GLU A 235 17.62 19.79 16.11
CA GLU A 235 19.00 19.59 15.69
C GLU A 235 19.70 18.41 16.33
N LEU A 236 20.75 17.94 15.66
CA LEU A 236 21.58 16.84 16.13
C LEU A 236 22.35 17.25 17.38
N SER A 237 22.05 16.60 18.50
CA SER A 237 22.62 16.98 19.79
C SER A 237 24.09 16.56 19.89
N LEU A 238 24.79 17.15 20.87
CA LEU A 238 26.18 16.79 21.12
C LEU A 238 26.33 15.30 21.43
N SER A 239 25.41 14.75 22.22
CA SER A 239 25.43 13.33 22.52
C SER A 239 25.26 12.46 21.27
N GLU A 240 24.41 12.91 20.37
CA GLU A 240 24.19 12.20 19.11
C GLU A 240 25.42 12.34 18.21
N ILE A 241 26.05 13.50 18.28
CA ILE A 241 27.28 13.77 17.54
C ILE A 241 28.40 12.86 18.03
N ASN A 242 28.55 12.75 19.34
CA ASN A 242 29.54 11.84 19.91
C ASN A 242 29.24 10.39 19.50
N GLU A 243 27.96 10.02 19.53
CA GLU A 243 27.54 8.67 19.15
C GLU A 243 27.83 8.35 17.68
N LYS A 244 27.67 9.33 16.80
CA LYS A 244 27.96 9.13 15.38
C LYS A 244 29.47 9.03 15.13
N MET A 245 30.24 9.88 15.79
CA MET A 245 31.69 9.85 15.65
C MET A 245 32.27 8.54 16.18
N LYS A 246 31.68 8.01 17.25
CA LYS A 246 32.10 6.72 17.77
C LYS A 246 31.82 5.59 16.78
N ALA A 247 30.62 5.59 16.20
CA ALA A 247 30.26 4.57 15.22
C ALA A 247 31.13 4.65 13.96
N PHE A 248 31.40 5.86 13.49
CA PHE A 248 32.23 6.02 12.30
C PHE A 248 33.66 5.57 12.55
N SER A 249 34.09 5.67 13.80
CA SER A 249 35.45 5.27 14.18
C SER A 249 35.56 3.75 14.17
N LYS A 250 34.48 3.06 14.54
CA LYS A 250 34.46 1.60 14.50
C LYS A 250 34.50 1.11 13.05
N ASP A 251 33.73 1.76 12.19
CA ASP A 251 33.68 1.43 10.76
C ASP A 251 35.05 1.56 10.10
N SER A 252 35.75 2.64 10.45
CA SER A 252 37.07 2.94 9.91
C SER A 252 38.07 1.85 10.25
N GLU A 253 38.04 1.39 11.49
CA GLU A 253 38.94 0.34 11.94
C GLU A 253 38.63 -0.99 11.25
N LYS A 254 37.35 -1.24 11.02
CA LYS A 254 36.92 -2.45 10.32
C LYS A 254 37.44 -2.44 8.88
N LEU A 255 37.36 -1.27 8.24
CA LEU A 255 37.85 -1.13 6.87
C LEU A 255 39.37 -1.29 6.82
N THR A 256 40.06 -0.77 7.83
CA THR A 256 41.52 -0.88 7.92
C THR A 256 41.93 -2.35 8.00
N GLN A 257 41.24 -3.11 8.84
CA GLN A 257 41.49 -4.55 8.95
C GLN A 257 41.20 -5.29 7.63
N LEU A 258 40.12 -4.94 6.96
CA LEU A 258 39.78 -5.55 5.68
C LEU A 258 40.84 -5.29 4.60
N MET A 259 41.45 -4.11 4.64
CA MET A 259 42.50 -3.77 3.68
C MET A 259 43.70 -4.69 3.87
N GLU A 260 43.85 -5.18 5.10
CA GLU A 260 44.92 -6.11 5.45
C GLU A 260 44.61 -7.53 4.97
N LYS A 261 43.35 -7.93 5.08
CA LYS A 261 42.90 -9.22 4.56
C LYS A 261 43.09 -9.29 3.05
N HIS A 262 42.58 -8.28 2.35
CA HIS A 262 42.57 -8.27 0.88
C HIS A 262 43.86 -7.70 0.27
N LYS A 263 44.93 -7.72 1.06
CA LYS A 263 46.25 -7.22 0.66
C LYS A 263 46.72 -7.76 -0.70
N GLY A 264 47.09 -6.84 -1.60
CA GLY A 264 47.53 -7.21 -2.93
C GLY A 264 46.42 -7.18 -3.96
N ASP A 265 45.21 -7.52 -3.54
CA ASP A 265 44.03 -7.35 -4.38
C ASP A 265 43.73 -5.85 -4.47
N GLU A 266 44.39 -5.18 -5.40
CA GLU A 266 44.40 -3.72 -5.46
C GLU A 266 43.03 -3.09 -5.65
N LYS A 267 42.23 -3.68 -6.53
CA LYS A 267 40.92 -3.10 -6.82
C LYS A 267 39.96 -3.19 -5.62
N THR A 268 40.05 -4.26 -4.85
CA THR A 268 39.29 -4.35 -3.60
C THR A 268 39.83 -3.32 -2.60
N VAL A 269 41.16 -3.29 -2.44
CA VAL A 269 41.79 -2.34 -1.53
C VAL A 269 41.48 -0.88 -1.90
N GLN A 270 41.56 -0.55 -3.19
CA GLN A 270 41.27 0.81 -3.64
C GLN A 270 39.84 1.21 -3.30
N SER A 271 38.91 0.27 -3.44
CA SER A 271 37.52 0.51 -3.09
C SER A 271 37.35 0.71 -1.58
N LEU A 272 38.08 -0.10 -0.79
CA LEU A 272 38.05 0.03 0.67
C LEU A 272 38.65 1.37 1.14
N GLN A 273 39.72 1.82 0.48
CA GLN A 273 40.34 3.11 0.83
C GLN A 273 39.38 4.26 0.55
N ARG A 274 38.60 4.09 -0.51
CA ARG A 274 37.62 5.09 -0.93
C ARG A 274 36.57 5.29 0.16
N GLU A 275 36.05 4.18 0.69
CA GLU A 275 35.08 4.22 1.79
C GLU A 275 35.69 4.77 3.07
N HIS A 276 36.97 4.50 3.29
CA HIS A 276 37.64 4.96 4.49
C HIS A 276 37.85 6.47 4.42
N HIS A 277 38.18 6.94 3.22
CA HIS A 277 38.33 8.37 2.95
C HIS A 277 37.00 9.11 3.12
N ASP A 278 35.92 8.51 2.64
CA ASP A 278 34.58 9.09 2.78
C ASP A 278 34.20 9.29 4.25
N ILE A 279 34.54 8.31 5.08
CA ILE A 279 34.23 8.36 6.51
C ILE A 279 35.07 9.41 7.20
N LYS A 280 36.31 9.54 6.75
CA LYS A 280 37.24 10.50 7.33
C LYS A 280 36.73 11.92 7.12
N ALA A 281 36.09 12.15 5.97
CA ALA A 281 35.54 13.47 5.66
C ALA A 281 34.29 13.77 6.50
N LYS A 282 33.50 12.74 6.78
CA LYS A 282 32.29 12.89 7.58
C LYS A 282 32.64 13.10 9.05
N LEU A 283 33.72 12.44 9.49
CA LEU A 283 34.23 12.63 10.85
C LEU A 283 34.75 14.05 11.06
N ALA A 284 35.40 14.60 10.03
CA ALA A 284 35.90 15.97 10.09
C ALA A 284 34.73 16.96 10.20
N ASN A 285 33.64 16.68 9.50
CA ASN A 285 32.45 17.53 9.52
C ASN A 285 31.76 17.50 10.88
N LEU A 286 31.67 16.32 11.48
CA LEU A 286 31.09 16.19 12.82
C LEU A 286 31.96 16.87 13.87
N GLN A 287 33.28 16.82 13.67
CA GLN A 287 34.23 17.44 14.58
C GLN A 287 34.05 18.96 14.64
N VAL A 288 33.63 19.55 13.53
CA VAL A 288 33.34 20.98 13.50
C VAL A 288 32.15 21.29 14.41
N LEU A 289 31.09 20.50 14.30
CA LEU A 289 29.92 20.64 15.17
C LEU A 289 30.30 20.41 16.62
N HIS A 290 31.19 19.44 16.85
CA HIS A 290 31.65 19.16 18.19
C HIS A 290 32.42 20.37 18.73
N ASP A 291 33.33 20.89 17.93
CA ASP A 291 34.13 22.06 18.30
C ASP A 291 33.28 23.29 18.61
N ALA A 292 32.24 23.49 17.81
CA ALA A 292 31.36 24.64 17.98
C ALA A 292 30.56 24.55 19.29
N HIS A 293 30.29 23.32 19.72
CA HIS A 293 29.61 23.08 20.99
C HIS A 293 30.51 23.33 22.21
N THR A 294 31.80 23.05 22.06
CA THR A 294 32.73 23.16 23.18
C THR A 294 33.29 24.57 23.31
N GLY A 295 33.13 25.37 22.25
CA GLY A 295 33.69 26.70 22.21
C GLY A 295 35.01 26.76 21.47
N LYS A 296 35.51 25.60 21.03
CA LYS A 296 36.75 25.54 20.26
C LYS A 296 36.59 26.29 18.94
N LYS A 297 35.38 26.23 18.38
CA LYS A 297 35.01 27.05 17.25
C LYS A 297 33.78 27.88 17.62
N SER A 298 33.48 28.89 16.79
CA SER A 298 32.31 29.73 17.05
C SER A 298 31.51 29.93 15.79
N TYR A 299 30.18 29.84 15.93
CA TYR A 299 29.28 30.14 14.82
C TYR A 299 29.20 31.64 14.63
N VAL A 300 29.25 32.09 13.38
CA VAL A 300 29.06 33.50 13.10
C VAL A 300 28.12 33.69 11.93
N ASN A 301 27.49 34.85 11.85
CA ASN A 301 26.67 35.13 10.68
C ASN A 301 27.54 35.56 9.51
N GLU A 302 26.90 36.09 8.48
CA GLU A 302 27.59 36.53 7.28
C GLU A 302 28.66 37.57 7.62
N LYS A 303 28.40 38.37 8.64
CA LYS A 303 29.24 39.52 8.98
C LYS A 303 30.40 39.17 9.91
N GLY A 304 30.40 37.96 10.45
CA GLY A 304 31.43 37.54 11.38
C GLY A 304 31.04 37.81 12.82
N ASN A 305 29.79 38.21 13.03
CA ASN A 305 29.25 38.41 14.36
C ASN A 305 28.70 37.11 14.93
N PRO A 306 28.96 36.86 16.23
CA PRO A 306 28.57 35.59 16.86
C PRO A 306 27.07 35.33 16.84
N VAL A 307 26.69 34.07 16.62
CA VAL A 307 25.32 33.61 16.79
C VAL A 307 25.33 32.38 17.68
N SER A 308 24.21 32.08 18.34
CA SER A 308 24.18 30.98 19.29
C SER A 308 23.88 29.66 18.60
N SER A 309 23.00 29.71 17.62
CA SER A 309 22.50 28.52 16.96
C SER A 309 23.20 28.21 15.65
N LEU A 310 23.27 26.91 15.32
CA LEU A 310 23.82 26.48 14.05
C LEU A 310 22.96 26.99 12.90
N LYS A 311 21.64 26.98 13.09
CA LYS A 311 20.69 27.44 12.06
C LYS A 311 20.91 28.89 11.62
N ASP A 312 21.50 29.70 12.49
CA ASP A 312 21.76 31.10 12.16
C ASP A 312 23.20 31.31 11.67
N ALA A 313 24.00 30.25 11.79
CA ALA A 313 25.40 30.32 11.42
C ALA A 313 25.58 30.34 9.91
N HIS A 314 26.57 31.08 9.45
CA HIS A 314 26.97 31.07 8.04
C HIS A 314 28.40 30.52 7.95
N LEU A 315 29.16 30.70 9.03
CA LEU A 315 30.50 30.14 9.14
C LEU A 315 30.73 29.63 10.54
N ALA A 316 31.62 28.64 10.66
CA ALA A 316 32.16 28.25 11.95
C ALA A 316 33.65 28.50 11.94
N ILE A 317 34.11 29.42 12.80
CA ILE A 317 35.49 29.88 12.72
C ILE A 317 36.27 29.64 14.01
N ASN A 318 37.60 29.64 13.89
CA ASN A 318 38.46 29.51 15.07
C ASN A 318 38.64 30.83 15.81
N LYS A 319 39.23 30.75 17.00
CA LYS A 319 39.43 31.93 17.83
C LYS A 319 40.56 32.80 17.30
N ASP A 320 41.38 32.24 16.43
CA ASP A 320 42.44 33.02 15.79
C ASP A 320 42.00 33.54 14.41
N GLN A 321 40.70 33.47 14.14
CA GLN A 321 40.17 33.94 12.86
C GLN A 321 39.17 35.07 13.04
N GLU A 322 38.94 35.83 11.98
CA GLU A 322 37.87 36.82 11.97
C GLU A 322 37.38 37.08 10.54
N VAL A 323 36.17 37.62 10.44
CA VAL A 323 35.59 37.99 9.15
C VAL A 323 35.60 39.51 9.00
N VAL A 324 36.06 39.99 7.84
CA VAL A 324 35.95 41.41 7.54
C VAL A 324 35.10 41.62 6.30
N GLU A 325 34.10 42.50 6.40
CA GLU A 325 33.37 42.96 5.22
C GLU A 325 34.00 44.25 4.70
N HIS A 326 34.33 44.26 3.42
CA HIS A 326 34.98 45.42 2.82
C HIS A 326 34.41 45.66 1.43
N LYS A 327 33.75 46.80 1.27
CA LYS A 327 33.15 47.18 -0.02
C LYS A 327 32.21 46.10 -0.57
N GLY A 328 31.41 45.51 0.31
CA GLY A 328 30.45 44.50 -0.10
C GLY A 328 31.05 43.11 -0.29
N GLN A 329 32.38 43.00 -0.16
CA GLN A 329 33.06 41.72 -0.27
C GLN A 329 33.44 41.19 1.10
N PHE A 330 33.45 39.88 1.24
CA PHE A 330 33.72 39.26 2.54
C PHE A 330 35.03 38.47 2.55
N TYR A 331 35.82 38.65 3.62
CA TYR A 331 37.11 38.00 3.72
C TYR A 331 37.24 37.27 5.06
N LEU A 332 37.79 36.06 5.04
CA LEU A 332 38.07 35.31 6.26
C LEU A 332 39.58 35.30 6.45
N LEU A 333 40.05 35.84 7.57
CA LEU A 333 41.48 36.00 7.78
C LEU A 333 41.91 35.71 9.20
N GLN A 334 43.22 35.70 9.42
CA GLN A 334 43.79 35.58 10.76
C GLN A 334 43.44 36.84 11.56
N LYS A 335 42.96 36.63 12.79
CA LYS A 335 42.50 37.71 13.65
C LYS A 335 43.57 38.79 13.79
N GLY A 336 43.24 40.01 13.40
CA GLY A 336 44.14 41.14 13.56
C GLY A 336 45.04 41.43 12.38
N GLN A 337 44.93 40.64 11.31
CA GLN A 337 45.86 40.76 10.19
C GLN A 337 45.30 41.52 8.98
N TRP A 338 44.24 42.29 9.19
CA TRP A 338 43.63 43.05 8.08
C TRP A 338 44.60 44.02 7.41
N ASP A 339 45.30 44.82 8.22
CA ASP A 339 46.25 45.79 7.67
C ASP A 339 47.36 45.08 6.89
N ALA A 340 47.70 43.87 7.31
CA ALA A 340 48.78 43.10 6.68
C ALA A 340 48.37 42.44 5.35
N ILE A 341 47.08 42.43 5.04
CA ILE A 341 46.60 41.79 3.81
C ILE A 341 45.84 42.73 2.86
N LYS A 342 45.38 43.87 3.37
CA LYS A 342 44.49 44.74 2.60
C LYS A 342 45.14 45.35 1.36
N ASN A 343 46.47 45.45 1.36
CA ASN A 343 47.19 45.99 0.20
C ASN A 343 47.91 44.89 -0.58
N ASP A 344 47.64 43.64 -0.20
CA ASP A 344 48.25 42.47 -0.82
C ASP A 344 47.17 41.64 -1.50
N PRO A 345 46.99 41.86 -2.81
CA PRO A 345 45.94 41.25 -3.64
C PRO A 345 45.94 39.72 -3.56
N ALA A 346 47.11 39.11 -3.42
CA ALA A 346 47.21 37.66 -3.29
C ALA A 346 46.58 37.19 -1.99
N ALA A 347 46.94 37.86 -0.89
CA ALA A 347 46.39 37.52 0.42
C ALA A 347 44.91 37.87 0.50
N LEU A 348 44.52 38.94 -0.19
CA LEU A 348 43.10 39.33 -0.27
C LEU A 348 42.27 38.29 -1.00
N GLU A 349 42.80 37.80 -2.13
CA GLU A 349 42.14 36.75 -2.88
C GLU A 349 42.01 35.48 -2.05
N LYS A 350 43.07 35.13 -1.32
CA LYS A 350 43.04 33.94 -0.47
C LYS A 350 42.02 34.06 0.66
N ALA A 351 41.95 35.23 1.29
CA ALA A 351 41.00 35.45 2.38
C ALA A 351 39.57 35.43 1.86
N GLN A 352 39.38 35.87 0.62
CA GLN A 352 38.05 35.84 0.02
C GLN A 352 37.66 34.40 -0.34
N LYS A 353 38.60 33.66 -0.92
CA LYS A 353 38.42 32.23 -1.20
C LYS A 353 38.09 31.43 0.05
N ASP A 354 38.84 31.66 1.12
CA ASP A 354 38.67 30.95 2.37
C ASP A 354 37.28 31.20 2.96
N TYR A 355 36.82 32.44 2.85
CA TYR A 355 35.48 32.80 3.33
C TYR A 355 34.40 32.00 2.60
N SER A 356 34.46 31.99 1.27
CA SER A 356 33.49 31.26 0.46
C SER A 356 33.54 29.77 0.72
N GLN A 357 34.75 29.23 0.89
CA GLN A 357 34.91 27.81 1.15
C GLN A 357 34.32 27.46 2.52
N SER A 358 34.54 28.34 3.48
CA SER A 358 34.00 28.13 4.83
C SER A 358 32.47 28.10 4.84
N LYS A 359 31.85 29.03 4.12
CA LYS A 359 30.40 29.08 4.02
C LYS A 359 29.87 27.83 3.32
N HIS A 360 30.58 27.40 2.28
CA HIS A 360 30.22 26.22 1.54
C HIS A 360 30.32 24.97 2.41
N ASP A 361 31.39 24.87 3.17
CA ASP A 361 31.60 23.72 4.05
C ASP A 361 30.54 23.63 5.15
N LEU A 362 30.10 24.77 5.68
CA LEU A 362 29.13 24.74 6.76
C LEU A 362 27.76 24.27 6.26
N ALA A 363 27.41 24.67 5.04
CA ALA A 363 26.19 24.16 4.42
C ALA A 363 26.28 22.65 4.25
N THR A 364 27.44 22.15 3.83
CA THR A 364 27.65 20.70 3.71
C THR A 364 27.49 20.01 5.07
N ILE A 365 28.05 20.64 6.11
CA ILE A 365 27.95 20.12 7.46
C ILE A 365 26.50 20.06 7.96
N LYS A 366 25.73 21.14 7.70
CA LYS A 366 24.32 21.18 8.09
C LYS A 366 23.50 20.06 7.45
N MET A 367 23.76 19.79 6.18
CA MET A 367 23.01 18.78 5.44
C MET A 367 23.34 17.38 5.93
N GLU A 368 24.63 17.12 6.17
CA GLU A 368 25.05 15.83 6.71
C GLU A 368 24.52 15.63 8.12
N ALA A 369 24.48 16.71 8.90
CA ALA A 369 23.94 16.64 10.27
C ALA A 369 22.45 16.29 10.26
N LEU A 370 21.70 16.88 9.34
CA LEU A 370 20.29 16.54 9.18
C LEU A 370 20.13 15.09 8.71
N ILE A 371 21.01 14.67 7.82
CA ILE A 371 21.03 13.28 7.35
C ILE A 371 21.28 12.32 8.52
N HIS A 372 22.28 12.63 9.35
CA HIS A 372 22.57 11.81 10.52
C HIS A 372 21.39 11.74 11.48
N LYS A 373 20.79 12.89 11.75
CA LYS A 373 19.66 12.98 12.68
C LYS A 373 18.46 12.18 12.15
N LEU A 374 18.16 12.35 10.87
CA LEU A 374 17.04 11.62 10.27
C LEU A 374 17.30 10.13 10.21
N SER A 375 18.55 9.74 9.99
CA SER A 375 18.92 8.33 9.96
C SER A 375 18.71 7.70 11.32
N LEU A 376 19.06 8.43 12.38
CA LEU A 376 18.85 7.97 13.75
C LEU A 376 17.37 7.73 13.99
N GLU A 377 16.56 8.72 13.65
CA GLU A 377 15.11 8.61 13.85
C GLU A 377 14.51 7.45 13.06
N MET A 378 15.04 7.19 11.86
CA MET A 378 14.54 6.12 10.99
C MET A 378 14.83 4.74 11.58
N GLU A 379 16.05 4.56 12.08
CA GLU A 379 16.45 3.29 12.70
C GLU A 379 15.62 3.01 13.95
N LYS A 380 15.28 4.08 14.67
CA LYS A 380 14.43 3.96 15.86
C LYS A 380 13.03 3.52 15.46
N GLN A 381 12.47 4.15 14.44
CA GLN A 381 11.16 3.79 13.90
C GLN A 381 11.11 2.34 13.36
N LEU A 382 12.20 1.93 12.70
CA LEU A 382 12.25 0.61 12.06
C LEU A 382 12.27 -0.52 13.08
N GLU A 383 12.95 -0.31 14.19
CA GLU A 383 13.00 -1.29 15.27
C GLU A 383 11.60 -1.53 15.83
N THR A 384 10.83 -0.46 15.95
CA THR A 384 9.45 -0.56 16.41
C THR A 384 8.61 -1.30 15.37
N ILE A 385 8.78 -0.93 14.10
CA ILE A 385 8.05 -1.59 13.01
C ILE A 385 8.37 -3.08 12.89
N ASN A 386 9.66 -3.42 12.79
CA ASN A 386 10.08 -4.81 12.66
C ASN A 386 9.53 -5.70 13.78
N ASP A 387 9.51 -5.14 14.99
CA ASP A 387 8.91 -5.84 16.15
C ASP A 387 7.43 -6.16 15.90
N LEU A 388 6.68 -5.16 15.45
CA LEU A 388 5.24 -5.32 15.24
C LEU A 388 4.92 -6.25 14.08
N ILE A 389 5.66 -6.15 12.97
CA ILE A 389 5.37 -6.98 11.81
C ILE A 389 5.66 -8.45 12.09
N MET A 390 6.56 -8.71 13.03
CA MET A 390 6.95 -10.08 13.34
C MET A 390 6.14 -10.63 14.51
N SER A 391 5.26 -9.80 15.06
CA SER A 391 4.42 -10.24 16.17
C SER A 391 3.44 -11.33 15.71
N THR A 392 3.20 -12.32 16.55
CA THR A 392 2.25 -13.38 16.22
C THR A 392 0.83 -12.96 16.53
N ASP A 393 0.68 -11.68 16.87
CA ASP A 393 -0.62 -11.09 17.17
C ASP A 393 -0.97 -10.09 16.08
N PRO A 394 -2.05 -10.38 15.33
CA PRO A 394 -2.45 -9.56 14.18
C PRO A 394 -2.84 -8.14 14.56
N LYS A 395 -3.19 -7.91 15.82
CA LYS A 395 -3.47 -6.56 16.29
C LYS A 395 -2.21 -5.71 16.21
N GLU A 396 -1.08 -6.30 16.58
CA GLU A 396 0.21 -5.63 16.46
C GLU A 396 0.66 -5.54 15.00
N ASN A 397 0.34 -6.55 14.20
CA ASN A 397 0.66 -6.51 12.77
C ASN A 397 0.00 -5.31 12.07
N GLU A 398 -1.20 -4.96 12.50
CA GLU A 398 -1.96 -3.86 11.87
C GLU A 398 -1.49 -2.48 12.30
N GLU A 399 -0.89 -2.38 13.48
CA GLU A 399 -0.33 -1.11 13.94
C GLU A 399 0.78 -0.68 12.99
N ALA A 400 1.53 -1.66 12.50
CA ALA A 400 2.70 -1.42 11.65
C ALA A 400 2.38 -0.69 10.35
N THR A 401 1.14 -0.85 9.87
CA THR A 401 0.70 -0.26 8.60
C THR A 401 0.91 1.26 8.49
N LYS A 402 0.40 2.00 9.47
CA LYS A 402 0.54 3.46 9.49
C LYS A 402 1.96 3.89 9.86
N LEU A 403 2.65 3.07 10.63
CA LEU A 403 4.03 3.37 10.99
C LEU A 403 4.93 3.22 9.77
N LEU A 404 4.55 2.30 8.88
CA LEU A 404 5.28 2.12 7.62
C LEU A 404 5.19 3.35 6.73
N HIS A 405 4.01 3.96 6.66
CA HIS A 405 3.85 5.17 5.84
C HIS A 405 4.74 6.29 6.36
N LYS A 406 4.80 6.46 7.68
CA LYS A 406 5.66 7.48 8.29
C LYS A 406 7.12 7.18 8.02
N HIS A 407 7.48 5.91 8.11
CA HIS A 407 8.86 5.48 7.93
C HIS A 407 9.28 5.65 6.48
N ASN A 408 8.43 5.19 5.57
CA ASN A 408 8.70 5.35 4.15
C ASN A 408 8.77 6.81 3.77
N GLY A 409 7.88 7.61 4.35
CA GLY A 409 7.89 9.06 4.15
C GLY A 409 9.20 9.65 4.63
N LEU A 410 9.73 9.13 5.72
CA LEU A 410 11.00 9.61 6.26
C LEU A 410 12.15 9.25 5.30
N ASN A 411 12.07 8.05 4.74
CA ASN A 411 13.03 7.59 3.75
C ASN A 411 13.06 8.52 2.54
N LEU A 412 11.88 9.02 2.16
CA LEU A 412 11.77 9.94 1.03
C LEU A 412 12.36 11.32 1.37
N LYS A 413 12.19 11.75 2.61
CA LYS A 413 12.77 13.03 3.02
C LYS A 413 14.28 12.94 2.98
N LEU A 414 14.80 11.79 3.39
CA LEU A 414 16.24 11.53 3.42
C LEU A 414 16.81 11.48 2.01
N ALA A 415 16.11 10.80 1.11
CA ALA A 415 16.53 10.68 -0.28
C ALA A 415 16.59 12.03 -0.95
N ASN A 416 15.65 12.90 -0.59
CA ASN A 416 15.58 14.24 -1.16
C ASN A 416 16.76 15.06 -0.69
N LEU A 417 17.08 14.93 0.60
CA LEU A 417 18.21 15.63 1.21
C LEU A 417 19.55 15.19 0.64
N GLN A 418 19.69 13.88 0.41
CA GLN A 418 20.87 13.34 -0.24
C GLN A 418 21.03 13.96 -1.63
N ASP A 419 19.93 14.10 -2.36
CA ASP A 419 19.94 14.80 -3.65
C ASP A 419 20.40 16.25 -3.51
N MET A 420 19.86 16.96 -2.51
CA MET A 420 20.25 18.35 -2.28
C MET A 420 21.74 18.45 -1.96
N LEU A 421 22.23 17.49 -1.18
CA LEU A 421 23.65 17.48 -0.82
C LEU A 421 24.54 17.18 -2.02
N ALA A 422 24.13 16.23 -2.86
CA ALA A 422 24.87 15.91 -4.07
C ALA A 422 24.99 17.10 -5.02
N VAL A 423 23.88 17.80 -5.24
CA VAL A 423 23.89 18.99 -6.09
C VAL A 423 24.77 20.07 -5.46
N HIS A 424 24.63 20.25 -4.15
CA HIS A 424 25.45 21.22 -3.41
C HIS A 424 26.94 20.97 -3.60
N ARG A 425 27.35 19.70 -3.54
CA ARG A 425 28.75 19.33 -3.70
C ARG A 425 29.17 19.15 -5.16
N LYS A 426 28.29 19.54 -6.07
CA LYS A 426 28.57 19.47 -7.52
C LYS A 426 28.75 18.05 -8.06
N GLU A 427 28.19 17.07 -7.36
CA GLU A 427 28.24 15.68 -7.79
C GLU A 427 27.11 15.42 -8.78
N LYS A 428 26.03 16.18 -8.64
CA LYS A 428 24.87 16.04 -9.50
C LYS A 428 24.33 17.42 -9.85
N SER A 429 23.41 17.46 -10.82
CA SER A 429 22.77 18.71 -11.22
C SER A 429 21.26 18.49 -11.38
N PHE A 430 20.50 19.57 -11.21
CA PHE A 430 19.06 19.58 -11.44
C PHE A 430 18.72 19.95 -12.88
N PHE A 431 17.66 19.35 -13.41
CA PHE A 431 17.18 19.64 -14.77
C PHE A 431 15.66 19.75 -14.78
N ASN A 432 15.12 20.71 -15.53
CA ASN A 432 13.66 20.80 -15.68
C ASN A 432 13.13 19.73 -16.61
N GLU A 433 11.87 19.87 -17.00
CA GLU A 433 11.19 18.84 -17.77
C GLU A 433 11.72 18.77 -19.20
N LYS A 434 12.20 19.89 -19.71
CA LYS A 434 12.74 19.93 -21.07
C LYS A 434 14.20 19.49 -21.11
N GLY A 435 14.75 19.17 -19.93
CA GLY A 435 16.11 18.69 -19.83
C GLY A 435 17.12 19.82 -19.71
N GLU A 436 16.63 21.04 -19.50
CA GLU A 436 17.48 22.19 -19.30
C GLU A 436 17.98 22.22 -17.86
N LYS A 437 19.27 22.51 -17.68
CA LYS A 437 19.83 22.56 -16.33
C LYS A 437 19.24 23.75 -15.56
N VAL A 438 18.77 23.47 -14.34
CA VAL A 438 18.23 24.54 -13.49
C VAL A 438 18.99 24.63 -12.18
N THR A 439 18.85 25.78 -11.51
CA THR A 439 19.57 26.01 -10.25
C THR A 439 18.81 25.52 -9.02
N SER A 440 17.49 25.66 -9.02
CA SER A 440 16.69 25.36 -7.83
C SER A 440 15.97 24.02 -7.89
N LEU A 441 15.87 23.37 -6.74
CA LEU A 441 15.13 22.11 -6.62
C LEU A 441 13.65 22.31 -6.97
N ASN A 442 13.12 23.50 -6.69
CA ASN A 442 11.71 23.78 -6.97
C ASN A 442 11.37 23.83 -8.46
N ASP A 443 12.39 24.04 -9.29
CA ASP A 443 12.20 24.09 -10.75
C ASP A 443 12.65 22.80 -11.42
N ALA A 444 13.13 21.86 -10.62
CA ALA A 444 13.71 20.63 -11.16
C ALA A 444 12.66 19.54 -11.36
N HIS A 445 12.94 18.67 -12.32
CA HIS A 445 12.13 17.49 -12.57
C HIS A 445 13.05 16.28 -12.49
N TYR A 446 14.33 16.50 -12.78
CA TYR A 446 15.31 15.42 -12.75
C TYR A 446 16.57 15.82 -11.99
N VAL A 447 17.30 14.83 -11.51
CA VAL A 447 18.62 15.04 -10.89
C VAL A 447 19.52 13.87 -11.28
N ILE A 448 20.65 14.16 -11.91
CA ILE A 448 21.55 13.12 -12.38
C ILE A 448 23.00 13.50 -12.15
N GLY A 449 23.88 12.49 -12.13
CA GLY A 449 25.30 12.70 -11.96
C GLY A 449 25.94 13.56 -13.02
N LYS A 450 27.07 14.16 -12.65
CA LYS A 450 27.80 15.07 -13.53
C LYS A 450 28.31 14.39 -14.79
N ASP A 451 28.52 13.07 -14.73
CA ASP A 451 28.99 12.32 -15.89
C ASP A 451 27.84 11.60 -16.61
N GLN A 452 26.62 11.89 -16.16
CA GLN A 452 25.43 11.35 -16.79
C GLN A 452 24.85 12.34 -17.80
N GLN A 453 23.94 11.86 -18.64
CA GLN A 453 23.22 12.72 -19.56
C GLN A 453 21.76 12.31 -19.58
N LEU A 454 20.91 13.19 -20.04
CA LEU A 454 19.51 12.81 -20.27
C LEU A 454 19.35 12.51 -21.77
N PHE A 455 19.48 11.24 -22.13
CA PHE A 455 19.42 10.84 -23.54
C PHE A 455 17.97 10.83 -24.04
N ASN A 456 17.74 11.54 -25.14
CA ASN A 456 16.39 11.61 -25.71
C ASN A 456 16.20 10.53 -26.76
N LEU A 457 15.39 9.53 -26.42
CA LEU A 457 15.15 8.42 -27.35
C LEU A 457 13.79 8.53 -28.03
N GLY A 458 12.75 7.98 -27.41
CA GLY A 458 11.42 7.99 -28.01
C GLY A 458 10.66 9.26 -27.67
N GLY A 459 11.38 10.33 -27.36
CA GLY A 459 10.77 11.54 -26.84
C GLY A 459 10.73 11.41 -25.33
N LYS A 460 11.40 10.35 -24.88
CA LYS A 460 11.54 10.03 -23.48
C LYS A 460 13.02 10.12 -23.10
N PHE A 461 13.27 10.58 -21.88
CA PHE A 461 14.61 10.77 -21.36
C PHE A 461 15.12 9.54 -20.61
N TYR A 462 16.33 9.12 -20.95
CA TYR A 462 16.98 8.02 -20.26
C TYR A 462 18.27 8.48 -19.59
N PRO A 463 18.43 8.16 -18.30
CA PRO A 463 19.65 8.48 -17.54
C PRO A 463 20.76 7.50 -17.88
N ILE A 464 21.70 7.93 -18.71
CA ILE A 464 22.82 7.08 -19.09
C ILE A 464 24.12 7.88 -19.00
N HIS A 465 25.24 7.22 -19.26
CA HIS A 465 26.54 7.90 -19.24
C HIS A 465 26.69 8.84 -20.44
N LYS A 466 27.48 9.90 -20.29
CA LYS A 466 27.79 10.75 -21.43
C LYS A 466 28.51 9.96 -22.51
N GLU A 467 29.15 8.87 -22.09
CA GLU A 467 29.86 7.97 -23.00
C GLU A 467 28.91 7.05 -23.78
N GLN A 468 27.68 6.94 -23.31
CA GLN A 468 26.78 5.95 -23.87
C GLN A 468 25.74 6.53 -24.83
N LYS A 469 25.03 5.63 -25.49
CA LYS A 469 23.86 6.00 -26.28
C LYS A 469 22.96 4.77 -26.35
N ILE A 470 21.77 4.93 -26.91
CA ILE A 470 20.86 3.81 -27.08
C ILE A 470 20.66 3.58 -28.57
N LEU A 471 20.72 2.32 -28.97
CA LEU A 471 20.49 1.93 -30.35
C LEU A 471 19.15 1.20 -30.46
N GLU A 472 18.37 1.55 -31.47
CA GLU A 472 17.16 0.78 -31.79
C GLU A 472 17.36 0.01 -33.08
N LYS A 473 17.09 -1.30 -33.03
CA LYS A 473 17.27 -2.19 -34.17
C LYS A 473 16.18 -3.26 -34.11
N ASP A 474 15.30 -3.26 -35.12
CA ASP A 474 14.24 -4.26 -35.24
C ASP A 474 13.34 -4.36 -34.02
N GLY A 475 12.93 -3.20 -33.49
CA GLY A 475 12.07 -3.17 -32.33
C GLY A 475 12.79 -3.39 -31.01
N LYS A 476 14.09 -3.71 -31.06
CA LYS A 476 14.84 -3.96 -29.84
C LYS A 476 15.72 -2.77 -29.43
N PHE A 477 16.05 -2.69 -28.15
CA PHE A 477 16.80 -1.56 -27.64
C PHE A 477 18.07 -1.97 -26.90
N TYR A 478 19.17 -1.33 -27.26
CA TYR A 478 20.48 -1.70 -26.72
C TYR A 478 21.20 -0.48 -26.15
N LEU A 479 21.65 -0.60 -24.90
CA LEU A 479 22.47 0.44 -24.28
C LEU A 479 23.93 0.16 -24.63
N LEU A 480 24.56 1.08 -25.35
CA LEU A 480 25.92 0.85 -25.84
C LEU A 480 26.82 2.06 -25.58
N LYS A 481 28.12 1.88 -25.77
CA LYS A 481 29.03 3.03 -25.75
C LYS A 481 28.90 3.78 -27.07
N GLN A 482 29.22 5.07 -27.07
CA GLN A 482 29.36 5.78 -28.33
C GLN A 482 30.51 5.14 -29.11
N GLY A 483 30.37 5.09 -30.44
CA GLY A 483 31.36 4.42 -31.27
C GLY A 483 30.93 3.01 -31.61
N GLU A 484 30.26 2.35 -30.67
CA GLU A 484 29.69 1.02 -30.91
C GLU A 484 28.43 1.14 -31.76
N ASP A 485 28.13 0.09 -32.52
CA ASP A 485 26.93 0.07 -33.34
C ASP A 485 26.49 -1.38 -33.57
N TRP A 486 25.43 -1.56 -34.35
CA TRP A 486 24.95 -2.91 -34.66
C TRP A 486 26.03 -3.77 -35.28
N GLU A 487 26.80 -3.16 -36.20
CA GLU A 487 27.86 -3.88 -36.90
C GLU A 487 28.86 -4.52 -35.92
N SER A 488 29.05 -3.90 -34.77
CA SER A 488 30.01 -4.41 -33.77
C SER A 488 29.42 -5.45 -32.81
N ILE A 489 28.10 -5.58 -32.77
CA ILE A 489 27.47 -6.54 -31.85
C ILE A 489 26.64 -7.61 -32.55
N LYS A 490 26.42 -7.45 -33.85
CA LYS A 490 25.53 -8.34 -34.61
C LYS A 490 25.97 -9.80 -34.62
N ASP A 491 27.25 -10.06 -34.36
CA ASP A 491 27.76 -11.42 -34.35
C ASP A 491 27.99 -11.96 -32.93
N SER A 492 27.49 -11.22 -31.94
CA SER A 492 27.71 -11.56 -30.55
C SER A 492 26.37 -11.58 -29.80
N PRO A 493 25.79 -12.77 -29.65
CA PRO A 493 24.54 -12.93 -28.90
C PRO A 493 24.67 -12.48 -27.45
N GLU A 494 25.83 -12.73 -26.85
CA GLU A 494 26.04 -12.37 -25.45
C GLU A 494 26.18 -10.87 -25.25
N LYS A 495 26.75 -10.19 -26.24
CA LYS A 495 26.87 -8.75 -26.17
C LYS A 495 25.50 -8.09 -26.41
N GLN A 496 24.72 -8.65 -27.34
CA GLN A 496 23.37 -8.17 -27.59
C GLN A 496 22.49 -8.35 -26.35
N LYS A 497 22.55 -9.56 -25.77
CA LYS A 497 21.78 -9.88 -24.57
C LYS A 497 22.10 -8.91 -23.42
N LYS A 498 23.39 -8.68 -23.21
CA LYS A 498 23.86 -7.78 -22.15
C LYS A 498 23.44 -6.33 -22.39
N ALA A 499 23.62 -5.87 -23.63
CA ALA A 499 23.24 -4.49 -23.98
C ALA A 499 21.74 -4.27 -23.80
N GLU A 500 20.93 -5.25 -24.23
CA GLU A 500 19.48 -5.16 -24.09
C GLU A 500 19.08 -5.23 -22.61
N HIS A 501 19.76 -6.09 -21.87
CA HIS A 501 19.57 -6.20 -20.42
C HIS A 501 19.89 -4.89 -19.70
N ASP A 502 21.02 -4.28 -20.06
CA ASP A 502 21.43 -3.01 -19.46
C ASP A 502 20.41 -1.90 -19.74
N PHE A 503 19.77 -1.96 -20.89
CA PHE A 503 18.79 -0.94 -21.26
C PHE A 503 17.53 -1.05 -20.39
N HIS A 504 17.03 -2.26 -20.20
CA HIS A 504 15.80 -2.45 -19.45
C HIS A 504 16.00 -2.29 -17.94
N LYS A 505 17.25 -2.31 -17.48
CA LYS A 505 17.50 -2.04 -16.06
C LYS A 505 17.37 -0.55 -15.74
N LEU A 506 17.42 0.27 -16.79
CA LEU A 506 17.30 1.72 -16.64
C LEU A 506 15.98 2.14 -16.00
N GLN A 507 14.93 1.34 -16.18
CA GLN A 507 13.61 1.70 -15.64
C GLN A 507 13.59 1.78 -14.12
N TYR A 508 14.55 1.11 -13.47
CA TYR A 508 14.62 1.12 -12.01
C TYR A 508 15.42 2.31 -11.52
N GLU A 509 15.92 3.10 -12.46
CA GLU A 509 16.77 4.24 -12.13
C GLU A 509 16.10 5.55 -12.53
N THR A 510 14.78 5.64 -12.38
CA THR A 510 14.03 6.85 -12.71
C THR A 510 14.62 8.07 -12.00
N PRO A 511 15.31 8.94 -12.77
CA PRO A 511 16.13 10.03 -12.23
C PRO A 511 15.33 11.28 -11.89
N MET A 512 14.05 11.11 -11.57
CA MET A 512 13.24 12.23 -11.18
C MET A 512 13.52 12.62 -9.74
N THR A 513 13.21 13.87 -9.42
CA THR A 513 13.27 14.34 -8.04
C THR A 513 12.28 13.57 -7.19
N VAL A 514 12.49 13.54 -5.89
CA VAL A 514 11.61 12.80 -4.99
C VAL A 514 10.18 13.31 -5.09
N LYS A 515 10.01 14.63 -5.11
CA LYS A 515 8.69 15.24 -5.20
C LYS A 515 7.98 14.85 -6.51
N LYS A 516 8.74 14.79 -7.59
CA LYS A 516 8.21 14.35 -8.87
C LYS A 516 7.86 12.86 -8.86
N LEU A 517 8.70 12.05 -8.20
CA LEU A 517 8.44 10.63 -8.05
C LEU A 517 7.10 10.39 -7.36
N VAL A 518 6.92 11.05 -6.22
CA VAL A 518 5.71 10.91 -5.42
C VAL A 518 4.47 11.34 -6.21
N HIS A 519 4.57 12.49 -6.87
CA HIS A 519 3.47 13.06 -7.63
C HIS A 519 3.00 12.12 -8.74
N HIS A 520 3.94 11.63 -9.54
CA HIS A 520 3.59 10.75 -10.65
C HIS A 520 3.11 9.37 -10.17
N ASN A 521 3.69 8.86 -9.09
CA ASN A 521 3.21 7.59 -8.52
C ASN A 521 1.83 7.70 -7.91
N LYS A 522 1.55 8.84 -7.28
CA LYS A 522 0.22 9.12 -6.73
C LYS A 522 -0.82 9.08 -7.84
N GLY A 523 -0.49 9.70 -8.97
CA GLY A 523 -1.38 9.73 -10.13
C GLY A 523 -1.70 8.34 -10.66
N LEU A 524 -0.69 7.48 -10.75
CA LEU A 524 -0.89 6.14 -11.29
C LEU A 524 -1.72 5.26 -10.35
N GLU A 525 -1.36 5.25 -9.07
CA GLU A 525 -2.04 4.39 -8.10
C GLU A 525 -3.48 4.82 -7.91
N THR A 526 -3.70 6.14 -7.95
CA THR A 526 -5.03 6.69 -7.77
C THR A 526 -5.92 6.38 -8.97
N THR A 527 -5.37 6.55 -10.16
CA THR A 527 -6.11 6.29 -11.40
C THR A 527 -6.52 4.81 -11.50
N ILE A 528 -5.57 3.92 -11.19
CA ILE A 528 -5.83 2.49 -11.29
C ILE A 528 -6.81 2.05 -10.20
N HIS A 529 -6.66 2.61 -9.01
CA HIS A 529 -7.58 2.28 -7.92
C HIS A 529 -9.02 2.65 -8.26
N LYS A 530 -9.21 3.82 -8.86
CA LYS A 530 -10.56 4.28 -9.19
C LYS A 530 -11.21 3.45 -10.29
N GLU A 531 -10.41 2.93 -11.23
CA GLU A 531 -10.93 2.06 -12.27
C GLU A 531 -11.52 0.78 -11.66
N ARG A 532 -10.82 0.24 -10.66
CA ARG A 532 -11.24 -0.98 -9.97
C ARG A 532 -12.50 -0.75 -9.14
N ILE A 533 -12.57 0.42 -8.48
CA ILE A 533 -13.75 0.83 -7.73
C ILE A 533 -14.96 0.95 -8.66
N GLU A 534 -14.75 1.58 -9.81
CA GLU A 534 -15.81 1.81 -10.78
C GLU A 534 -16.36 0.51 -11.33
N GLU A 535 -15.48 -0.43 -11.64
CA GLU A 535 -15.92 -1.72 -12.15
C GLU A 535 -16.75 -2.48 -11.12
N THR A 536 -16.24 -2.56 -9.89
CA THR A 536 -16.90 -3.32 -8.83
C THR A 536 -18.27 -2.73 -8.50
N LYS A 537 -18.31 -1.42 -8.27
CA LYS A 537 -19.57 -0.72 -8.01
C LYS A 537 -20.59 -0.92 -9.12
N GLN A 538 -20.13 -0.94 -10.37
CA GLN A 538 -21.01 -1.11 -11.52
C GLN A 538 -21.57 -2.52 -11.57
N GLN A 539 -20.72 -3.50 -11.26
CA GLN A 539 -21.13 -4.89 -11.24
C GLN A 539 -22.17 -5.07 -10.15
N LEU A 540 -21.96 -4.40 -9.03
CA LEU A 540 -22.85 -4.46 -7.89
C LEU A 540 -24.22 -3.91 -8.27
N GLU A 541 -24.22 -2.80 -9.00
CA GLU A 541 -25.44 -2.23 -9.56
C GLU A 541 -26.16 -3.21 -10.48
N ASP A 542 -25.40 -3.88 -11.34
CA ASP A 542 -25.98 -4.89 -12.24
C ASP A 542 -26.63 -5.99 -11.42
N ASN A 543 -25.92 -6.44 -10.39
CA ASN A 543 -26.37 -7.51 -9.52
C ASN A 543 -27.69 -7.16 -8.82
N GLY A 544 -27.77 -5.95 -8.26
CA GLY A 544 -28.98 -5.47 -7.62
C GLY A 544 -30.17 -5.44 -8.58
N LYS A 545 -29.93 -4.98 -9.80
CA LYS A 545 -31.00 -4.85 -10.79
C LYS A 545 -31.57 -6.22 -11.20
N GLU A 546 -30.71 -7.25 -11.20
CA GLU A 546 -31.13 -8.59 -11.60
C GLU A 546 -32.09 -9.24 -10.60
N LYS A 547 -32.10 -8.74 -9.37
CA LYS A 547 -32.95 -9.30 -8.32
C LYS A 547 -34.44 -9.24 -8.64
N ILE A 548 -34.84 -8.23 -9.41
CA ILE A 548 -36.25 -7.99 -9.67
C ILE A 548 -36.94 -9.11 -10.44
N GLU A 549 -36.33 -9.54 -11.54
CA GLU A 549 -36.88 -10.64 -12.34
C GLU A 549 -36.78 -11.96 -11.57
N ILE A 550 -35.70 -12.11 -10.82
CA ILE A 550 -35.50 -13.32 -10.02
C ILE A 550 -36.55 -13.45 -8.92
N ALA A 551 -36.91 -12.33 -8.30
CA ALA A 551 -37.94 -12.35 -7.25
C ALA A 551 -39.32 -12.56 -7.84
N ASN A 552 -39.56 -11.94 -8.99
CA ASN A 552 -40.83 -12.10 -9.70
C ASN A 552 -41.10 -13.55 -10.09
N ASN A 553 -40.06 -14.22 -10.60
CA ASN A 553 -40.17 -15.62 -10.99
C ASN A 553 -40.49 -16.50 -9.78
N ILE A 554 -39.90 -16.17 -8.64
CA ILE A 554 -40.20 -16.90 -7.40
C ILE A 554 -41.62 -16.63 -6.90
N SER A 555 -42.01 -15.36 -6.88
CA SER A 555 -43.33 -14.93 -6.44
C SER A 555 -44.46 -15.65 -7.18
N LYS A 556 -44.31 -15.79 -8.49
CA LYS A 556 -45.31 -16.49 -9.30
C LYS A 556 -45.42 -17.95 -8.87
N LEU A 557 -44.27 -18.59 -8.69
CA LEU A 557 -44.20 -19.99 -8.29
C LEU A 557 -44.87 -20.27 -6.95
N GLN A 558 -44.56 -19.45 -5.95
CA GLN A 558 -45.09 -19.61 -4.60
C GLN A 558 -46.60 -19.64 -4.56
N SER A 559 -47.23 -18.75 -5.33
CA SER A 559 -48.68 -18.70 -5.39
C SER A 559 -49.24 -19.95 -6.06
N THR A 560 -48.59 -20.37 -7.15
CA THR A 560 -49.01 -21.57 -7.87
C THR A 560 -48.89 -22.81 -6.99
N VAL A 561 -47.72 -22.97 -6.36
CA VAL A 561 -47.45 -24.14 -5.53
C VAL A 561 -48.41 -24.21 -4.33
N GLY A 562 -48.66 -23.07 -3.69
CA GLY A 562 -49.56 -23.01 -2.55
C GLY A 562 -50.95 -23.50 -2.87
N VAL A 563 -51.43 -23.16 -4.07
CA VAL A 563 -52.73 -23.62 -4.54
C VAL A 563 -52.72 -25.12 -4.86
N ALA A 564 -51.66 -25.57 -5.54
CA ALA A 564 -51.54 -26.99 -5.89
C ALA A 564 -51.33 -27.86 -4.65
N LEU A 565 -50.75 -27.28 -3.61
CA LEU A 565 -50.59 -27.98 -2.33
C LEU A 565 -51.92 -28.11 -1.59
N ASN A 566 -52.74 -27.06 -1.66
CA ASN A 566 -54.07 -27.07 -1.06
C ASN A 566 -54.96 -28.17 -1.64
N GLN A 567 -54.72 -28.56 -2.89
CA GLN A 567 -55.60 -29.49 -3.61
C GLN A 567 -55.16 -30.93 -3.45
N LEU A 568 -53.88 -31.15 -3.17
CA LEU A 568 -53.41 -32.45 -2.70
C LEU A 568 -53.87 -32.64 -1.26
N ASN A 569 -54.08 -31.49 -0.58
CA ASN A 569 -55.02 -31.29 0.55
C ASN A 569 -54.59 -30.58 1.86
N GLN A 570 -54.39 -31.35 2.92
CA GLN A 570 -54.33 -30.74 4.25
C GLN A 570 -53.24 -31.25 5.18
#